data_8RWE
#
_entry.id   8RWE
#
_cell.length_a   39.290
_cell.length_b   178.708
_cell.length_c   139.049
_cell.angle_alpha   90.00
_cell.angle_beta   90.00
_cell.angle_gamma   90.00
#
_symmetry.space_group_name_H-M   'C 2 2 21'
#
loop_
_entity.id
_entity.type
_entity.pdbx_description
1 polymer 'Adenosine receptor A2a,Soluble cytochrome b562'
2 non-polymer 1,3-diethyl-8-[(~{E})-2-(3-methoxy-4-oxidanyl-phenyl)ethenyl]-7-methyl-purine-2,6-dione
3 non-polymer CHOLESTEROL
4 non-polymer 'OLEIC ACID'
5 non-polymer '(2R)-2,3-dihydroxypropyl (9Z)-octadec-9-enoate'
6 non-polymer 'SODIUM ION'
7 water water
#
_entity_poly.entity_id   1
_entity_poly.type   'polypeptide(L)'
_entity_poly.pdbx_seq_one_letter_code
;MKTIIALSYIFCLVFADYKDDDDGAPPIMGSSVYITVELAIAVLAILGNVLVCWAVWLNSNLQNVTNYFVVSLAAADILV
GVLAIPFAITISTGFCAACHGCLFIACFVLVLAQSSIFSLLAIAIDRYIAIAIPLRYNGLVTGTRAAGIIAICWVLSFAI
GLTPMLGWNNCGQPKEGKAHSQGCGEGQVACLFEDVVPMNYMVYFNFFACVLVPLLLMLGVYLRIFAAARRQLADLEDNW
ETLNDNLKVIEKADNAAQVKDALTKMRAAALDAQKATPPKLEDKSPDSPEMKDFRHGFDILVGQIDDALKLANEGKVKEA
QAAAEQLKTTRNAYIQKYLERARSTLQKEVHAAKSAAIIAGLFALCWLPLHIINCFTFFCPDCSHAPLWLMYLAIVLSHT
NSVVNPFIYAYRIREFRQTFRKIIRSHVLRQQEPFKAAAHHHHHHHHHH
;
_entity_poly.pdbx_strand_id   A
#
loop_
_chem_comp.id
_chem_comp.type
_chem_comp.name
_chem_comp.formula
A1H3K non-polymer 1,3-diethyl-8-[(~{E})-2-(3-methoxy-4-oxidanyl-phenyl)ethenyl]-7-methyl-purine-2,6-dione 'C19 H22 N4 O4'
CLR non-polymer CHOLESTEROL 'C27 H46 O'
NA non-polymer 'SODIUM ION' 'Na 1'
OLA non-polymer 'OLEIC ACID' 'C18 H34 O2'
OLC non-polymer '(2R)-2,3-dihydroxypropyl (9Z)-octadec-9-enoate' 'C21 H40 O4'
#
# COMPACT_ATOMS: atom_id res chain seq x y z
N ALA A 25 16.52 24.66 31.92
CA ALA A 25 15.92 25.59 30.96
C ALA A 25 14.40 25.54 31.00
N PRO A 26 13.78 26.71 30.91
CA PRO A 26 12.31 26.79 30.93
C PRO A 26 11.69 25.83 29.92
N PRO A 27 10.73 25.01 30.36
CA PRO A 27 10.16 23.99 29.45
C PRO A 27 9.49 24.60 28.23
N ILE A 28 8.99 25.83 28.36
CA ILE A 28 8.29 26.48 27.26
C ILE A 28 9.21 26.75 26.07
N MET A 29 10.53 26.79 26.29
CA MET A 29 11.42 27.06 25.15
C MET A 29 11.52 25.84 24.24
N GLY A 30 11.88 24.68 24.79
CA GLY A 30 11.85 23.45 24.02
C GLY A 30 10.45 23.08 23.57
N SER A 31 9.44 23.40 24.38
N SER A 31 9.43 23.39 24.39
CA SER A 31 8.06 23.14 23.99
CA SER A 31 8.05 23.13 23.97
C SER A 31 7.67 23.98 22.77
C SER A 31 7.69 23.98 22.75
N SER A 32 8.19 25.21 22.69
CA SER A 32 7.87 26.09 21.57
C SER A 32 8.40 25.52 20.26
N VAL A 33 9.62 24.99 20.28
CA VAL A 33 10.20 24.38 19.09
C VAL A 33 9.36 23.16 18.67
N TYR A 34 9.06 22.29 19.63
CA TYR A 34 8.25 21.10 19.35
C TYR A 34 6.88 21.48 18.81
N ILE A 35 6.23 22.46 19.44
CA ILE A 35 4.88 22.85 19.01
C ILE A 35 4.92 23.49 17.62
N THR A 36 5.90 24.36 17.39
CA THR A 36 6.03 25.00 16.08
C THR A 36 6.22 23.98 14.98
N VAL A 37 7.07 22.97 15.22
CA VAL A 37 7.29 21.92 14.23
C VAL A 37 6.02 21.11 13.99
N GLU A 38 5.32 20.77 15.07
CA GLU A 38 4.04 20.06 14.94
C GLU A 38 3.06 20.85 14.09
N LEU A 39 2.95 22.16 14.33
CA LEU A 39 2.00 22.96 13.58
C LEU A 39 2.37 23.03 12.11
N ALA A 40 3.68 23.14 11.82
CA ALA A 40 4.13 23.14 10.43
C ALA A 40 3.78 21.82 9.74
N ILE A 41 3.97 20.69 10.43
CA ILE A 41 3.58 19.39 9.89
C ILE A 41 2.08 19.34 9.66
N ALA A 42 1.30 19.86 10.61
CA ALA A 42 -0.16 19.80 10.46
C ALA A 42 -0.60 20.54 9.21
N VAL A 43 -0.05 21.75 8.98
CA VAL A 43 -0.39 22.53 7.80
C VAL A 43 -0.10 21.74 6.52
N LEU A 44 1.05 21.07 6.49
CA LEU A 44 1.46 20.36 5.28
C LEU A 44 0.64 19.09 5.07
N ALA A 45 0.32 18.39 6.15
CA ALA A 45 -0.51 17.18 6.04
C ALA A 45 -1.89 17.51 5.50
N ILE A 46 -2.49 18.59 5.99
CA ILE A 46 -3.81 19.00 5.52
C ILE A 46 -3.75 19.39 4.05
N LEU A 47 -2.84 20.30 3.69
CA LEU A 47 -2.81 20.83 2.32
C LEU A 47 -2.56 19.73 1.30
N GLY A 48 -1.57 18.90 1.54
CA GLY A 48 -1.21 17.89 0.55
C GLY A 48 -2.30 16.85 0.40
N ASN A 49 -2.91 16.44 1.51
CA ASN A 49 -3.88 15.36 1.42
C ASN A 49 -5.24 15.85 0.97
N VAL A 50 -5.60 17.11 1.29
CA VAL A 50 -6.77 17.71 0.66
C VAL A 50 -6.59 17.73 -0.85
N LEU A 51 -5.37 18.01 -1.31
CA LEU A 51 -5.08 18.01 -2.75
C LEU A 51 -5.24 16.61 -3.34
N VAL A 52 -4.81 15.58 -2.62
CA VAL A 52 -5.05 14.21 -3.07
C VAL A 52 -6.55 13.95 -3.24
N CYS A 53 -7.34 14.34 -2.23
CA CYS A 53 -8.78 14.08 -2.28
C CYS A 53 -9.44 14.86 -3.40
N TRP A 54 -9.00 16.10 -3.62
N TRP A 54 -8.99 16.09 -3.63
CA TRP A 54 -9.55 16.92 -4.70
CA TRP A 54 -9.57 16.90 -4.70
C TRP A 54 -9.23 16.33 -6.06
C TRP A 54 -9.23 16.32 -6.07
N ALA A 55 -8.03 15.75 -6.22
CA ALA A 55 -7.66 15.14 -7.48
C ALA A 55 -8.56 13.96 -7.81
N VAL A 56 -8.79 13.08 -6.83
CA VAL A 56 -9.66 11.93 -7.04
C VAL A 56 -11.09 12.37 -7.31
N TRP A 57 -11.56 13.39 -6.60
CA TRP A 57 -12.92 13.86 -6.80
C TRP A 57 -13.12 14.37 -8.23
N LEU A 58 -12.10 15.04 -8.77
CA LEU A 58 -12.21 15.73 -10.05
C LEU A 58 -11.88 14.84 -11.26
N ASN A 59 -10.95 13.90 -11.13
CA ASN A 59 -10.46 13.14 -12.26
C ASN A 59 -11.09 11.75 -12.25
N SER A 60 -11.89 11.45 -13.28
CA SER A 60 -12.52 10.13 -13.36
C SER A 60 -11.50 9.03 -13.63
N ASN A 61 -10.38 9.36 -14.27
CA ASN A 61 -9.31 8.37 -14.45
C ASN A 61 -8.70 7.96 -13.11
N LEU A 62 -8.87 8.76 -12.06
CA LEU A 62 -8.39 8.41 -10.74
C LEU A 62 -9.46 7.76 -9.87
N GLN A 63 -10.67 7.57 -10.40
CA GLN A 63 -11.78 7.03 -9.62
C GLN A 63 -11.84 5.53 -9.86
N ASN A 64 -11.06 4.79 -9.06
CA ASN A 64 -11.05 3.34 -9.08
C ASN A 64 -10.96 2.87 -7.62
N VAL A 65 -11.12 1.57 -7.43
CA VAL A 65 -11.18 1.03 -6.07
C VAL A 65 -9.87 1.29 -5.32
N THR A 66 -8.74 1.12 -6.01
CA THR A 66 -7.45 1.36 -5.36
C THR A 66 -7.40 2.75 -4.74
N ASN A 67 -7.85 3.76 -5.47
CA ASN A 67 -7.78 5.14 -4.99
C ASN A 67 -8.85 5.49 -3.97
N TYR A 68 -9.87 4.66 -3.80
CA TYR A 68 -10.77 4.88 -2.68
C TYR A 68 -10.07 4.61 -1.36
N PHE A 69 -9.21 3.57 -1.32
CA PHE A 69 -8.39 3.37 -0.14
C PHE A 69 -7.33 4.47 -0.01
N VAL A 70 -6.79 4.94 -1.15
CA VAL A 70 -5.91 6.10 -1.12
C VAL A 70 -6.60 7.29 -0.46
N VAL A 71 -7.86 7.54 -0.83
CA VAL A 71 -8.60 8.66 -0.24
C VAL A 71 -8.85 8.42 1.25
N SER A 72 -9.18 7.19 1.62
CA SER A 72 -9.34 6.88 3.04
C SER A 72 -8.03 7.14 3.78
N LEU A 73 -6.90 6.80 3.15
N LEU A 73 -6.90 6.80 3.16
CA LEU A 73 -5.60 7.08 3.73
CA LEU A 73 -5.60 7.09 3.74
C LEU A 73 -5.38 8.58 3.86
C LEU A 73 -5.37 8.59 3.87
N ALA A 74 -5.73 9.34 2.82
CA ALA A 74 -5.56 10.80 2.89
C ALA A 74 -6.49 11.43 3.91
N ALA A 75 -7.69 10.85 4.11
CA ALA A 75 -8.59 11.36 5.14
C ALA A 75 -8.01 11.17 6.53
N ALA A 76 -7.42 10.00 6.78
CA ALA A 76 -6.74 9.78 8.06
C ALA A 76 -5.63 10.79 8.26
N ASP A 77 -4.89 11.11 7.20
CA ASP A 77 -3.78 12.03 7.34
C ASP A 77 -4.27 13.47 7.54
N ILE A 78 -5.37 13.83 6.89
CA ILE A 78 -6.00 15.13 7.19
C ILE A 78 -6.38 15.23 8.65
N LEU A 79 -6.94 14.14 9.21
CA LEU A 79 -7.35 14.14 10.61
C LEU A 79 -6.15 14.13 11.56
N VAL A 80 -4.99 13.63 11.11
CA VAL A 80 -3.77 13.78 11.89
C VAL A 80 -3.45 15.26 12.06
N GLY A 81 -3.57 16.02 10.97
CA GLY A 81 -3.29 17.45 11.04
C GLY A 81 -4.35 18.22 11.80
N VAL A 82 -5.61 17.87 11.61
CA VAL A 82 -6.69 18.64 12.19
C VAL A 82 -6.87 18.29 13.68
N LEU A 83 -6.72 17.02 14.04
CA LEU A 83 -7.03 16.55 15.39
C LEU A 83 -5.84 15.95 16.13
N ALA A 84 -5.14 14.97 15.53
CA ALA A 84 -4.13 14.25 16.30
C ALA A 84 -2.97 15.14 16.69
N ILE A 85 -2.57 16.07 15.83
CA ILE A 85 -1.44 16.94 16.13
C ILE A 85 -1.85 17.97 17.19
N PRO A 86 -3.01 18.62 17.08
CA PRO A 86 -3.47 19.43 18.23
C PRO A 86 -3.61 18.62 19.51
N PHE A 87 -4.03 17.36 19.43
CA PHE A 87 -4.09 16.53 20.62
C PHE A 87 -2.71 16.26 21.19
N ALA A 88 -1.73 15.98 20.33
CA ALA A 88 -0.36 15.72 20.79
C ALA A 88 0.26 16.95 21.42
N ILE A 89 0.06 18.12 20.81
CA ILE A 89 0.51 19.36 21.43
C ILE A 89 -0.09 19.51 22.82
N THR A 90 -1.39 19.25 22.94
CA THR A 90 -2.07 19.40 24.23
C THR A 90 -1.50 18.43 25.27
N ILE A 91 -1.30 17.17 24.89
CA ILE A 91 -0.88 16.18 25.87
C ILE A 91 0.58 16.34 26.28
N SER A 92 1.39 17.05 25.48
CA SER A 92 2.75 17.35 25.89
C SER A 92 2.82 18.35 27.05
N THR A 93 1.74 19.08 27.35
CA THR A 93 1.79 20.07 28.43
C THR A 93 1.53 19.48 29.81
N GLY A 94 0.97 18.28 29.89
CA GLY A 94 0.65 17.72 31.19
C GLY A 94 -0.46 18.43 31.93
N PHE A 95 -1.34 19.12 31.21
CA PHE A 95 -2.41 19.90 31.82
C PHE A 95 -3.36 18.98 32.60
N CYS A 96 -4.04 19.57 33.58
CA CYS A 96 -4.95 18.81 34.43
C CYS A 96 -6.21 18.44 33.63
N ALA A 97 -6.60 17.17 33.69
CA ALA A 97 -7.76 16.74 32.94
C ALA A 97 -8.35 15.52 33.63
N ALA A 98 -9.65 15.31 33.42
CA ALA A 98 -10.24 14.03 33.77
C ALA A 98 -9.54 12.93 32.98
N CYS A 99 -9.24 11.82 33.66
CA CYS A 99 -8.31 10.85 33.09
C CYS A 99 -8.84 10.23 31.80
N HIS A 100 -10.15 9.99 31.73
CA HIS A 100 -10.70 9.34 30.54
C HIS A 100 -10.75 10.31 29.35
N GLY A 101 -11.00 11.59 29.60
CA GLY A 101 -10.86 12.55 28.53
C GLY A 101 -9.41 12.66 28.06
N CYS A 102 -8.47 12.57 29.00
CA CYS A 102 -7.06 12.49 28.64
C CYS A 102 -6.78 11.27 27.80
N LEU A 103 -7.36 10.12 28.16
CA LEU A 103 -7.16 8.90 27.38
C LEU A 103 -7.59 9.09 25.94
N PHE A 104 -8.70 9.78 25.72
CA PHE A 104 -9.20 9.93 24.35
C PHE A 104 -8.24 10.77 23.52
N ILE A 105 -7.77 11.89 24.08
CA ILE A 105 -6.82 12.67 23.31
CA ILE A 105 -6.77 12.73 23.42
C ILE A 105 -5.50 11.93 23.15
N ALA A 106 -5.16 11.04 24.08
CA ALA A 106 -3.95 10.22 23.93
C ALA A 106 -4.12 9.21 22.80
N CYS A 107 -5.32 8.64 22.65
CA CYS A 107 -5.50 7.43 21.86
C CYS A 107 -6.07 7.68 20.48
N PHE A 108 -6.61 8.87 20.21
CA PHE A 108 -7.25 9.08 18.92
C PHE A 108 -6.27 8.89 17.77
N VAL A 109 -5.00 9.25 17.97
CA VAL A 109 -4.00 9.04 16.92
C VAL A 109 -3.85 7.56 16.59
N LEU A 110 -4.10 6.67 17.56
CA LEU A 110 -4.02 5.24 17.30
C LEU A 110 -5.15 4.77 16.40
N VAL A 111 -6.31 5.43 16.49
CA VAL A 111 -7.38 5.16 15.53
C VAL A 111 -6.95 5.50 14.11
N LEU A 112 -6.30 6.66 13.95
CA LEU A 112 -5.91 7.10 12.61
C LEU A 112 -4.77 6.24 12.08
N ALA A 113 -3.83 5.87 12.94
CA ALA A 113 -2.75 4.99 12.49
C ALA A 113 -3.31 3.63 12.11
N GLN A 114 -4.27 3.11 12.88
CA GLN A 114 -4.84 1.82 12.54
C GLN A 114 -5.59 1.87 11.22
N SER A 115 -6.33 2.96 10.99
CA SER A 115 -7.04 3.11 9.73
C SER A 115 -6.06 3.14 8.56
N SER A 116 -4.93 3.84 8.73
CA SER A 116 -3.91 3.85 7.69
C SER A 116 -3.41 2.45 7.40
N ILE A 117 -3.19 1.65 8.44
CA ILE A 117 -2.70 0.29 8.27
C ILE A 117 -3.69 -0.55 7.46
N PHE A 118 -4.99 -0.45 7.77
CA PHE A 118 -6.00 -1.19 7.01
C PHE A 118 -6.04 -0.76 5.55
N SER A 119 -5.96 0.55 5.29
CA SER A 119 -5.92 1.04 3.92
C SER A 119 -4.68 0.53 3.19
N LEU A 120 -3.51 0.61 3.84
CA LEU A 120 -2.30 0.11 3.21
C LEU A 120 -2.42 -1.38 2.88
N LEU A 121 -2.98 -2.17 3.79
CA LEU A 121 -3.12 -3.60 3.52
C LEU A 121 -4.13 -3.85 2.41
N ALA A 122 -5.22 -3.07 2.40
CA ALA A 122 -6.21 -3.19 1.34
C ALA A 122 -5.60 -2.88 -0.03
N ILE A 123 -4.81 -1.81 -0.12
CA ILE A 123 -4.18 -1.47 -1.38
C ILE A 123 -3.28 -2.60 -1.87
N ALA A 124 -2.48 -3.18 -0.98
CA ALA A 124 -1.60 -4.28 -1.35
C ALA A 124 -2.42 -5.45 -1.90
N ILE A 125 -3.46 -5.84 -1.17
CA ILE A 125 -4.29 -6.97 -1.59
C ILE A 125 -4.97 -6.66 -2.92
N ASP A 126 -5.46 -5.43 -3.08
CA ASP A 126 -6.07 -5.01 -4.33
C ASP A 126 -5.10 -5.18 -5.50
N ARG A 127 -3.84 -4.74 -5.32
CA ARG A 127 -2.86 -4.87 -6.39
C ARG A 127 -2.50 -6.33 -6.63
N TYR A 128 -2.54 -7.16 -5.58
CA TYR A 128 -2.32 -8.59 -5.77
C TYR A 128 -3.46 -9.21 -6.58
N ILE A 129 -4.71 -8.86 -6.27
CA ILE A 129 -5.83 -9.40 -7.04
C ILE A 129 -5.72 -8.98 -8.50
N ALA A 130 -5.31 -7.73 -8.73
CA ALA A 130 -5.23 -7.23 -10.11
C ALA A 130 -4.18 -7.98 -10.92
N ILE A 131 -3.07 -8.37 -10.30
CA ILE A 131 -2.01 -9.04 -11.05
C ILE A 131 -2.18 -10.57 -11.08
N ALA A 132 -2.80 -11.16 -10.06
CA ALA A 132 -2.91 -12.61 -9.97
C ALA A 132 -4.13 -13.15 -10.70
N ILE A 133 -5.24 -12.41 -10.62
CA ILE A 133 -6.47 -12.84 -11.28
C ILE A 133 -7.09 -11.67 -12.03
N PRO A 134 -6.41 -11.10 -13.03
CA PRO A 134 -6.95 -9.91 -13.72
C PRO A 134 -8.27 -10.16 -14.43
N LEU A 135 -8.60 -11.42 -14.77
CA LEU A 135 -9.83 -11.72 -15.50
C LEU A 135 -11.06 -11.57 -14.62
N ARG A 136 -10.92 -11.70 -13.30
CA ARG A 136 -12.05 -11.58 -12.40
C ARG A 136 -11.91 -10.40 -11.43
N TYR A 137 -10.95 -9.51 -11.66
CA TYR A 137 -10.77 -8.38 -10.75
C TYR A 137 -11.98 -7.46 -10.77
N ASN A 138 -12.45 -7.08 -11.95
CA ASN A 138 -13.56 -6.12 -12.03
C ASN A 138 -14.84 -6.68 -11.44
N GLY A 139 -15.07 -7.99 -11.56
CA GLY A 139 -16.24 -8.58 -10.93
C GLY A 139 -16.09 -8.84 -9.45
N LEU A 140 -14.86 -8.94 -8.95
CA LEU A 140 -14.63 -9.23 -7.54
C LEU A 140 -14.45 -7.96 -6.72
N VAL A 141 -13.67 -7.02 -7.21
CA VAL A 141 -13.30 -5.81 -6.48
C VAL A 141 -14.10 -4.67 -7.09
N THR A 142 -15.19 -4.28 -6.43
CA THR A 142 -16.09 -3.24 -6.91
C THR A 142 -16.09 -2.05 -5.97
N GLY A 143 -16.62 -0.93 -6.46
CA GLY A 143 -16.67 0.29 -5.66
C GLY A 143 -17.54 0.14 -4.42
N THR A 144 -18.69 -0.52 -4.56
CA THR A 144 -19.59 -0.68 -3.41
C THR A 144 -18.95 -1.56 -2.33
N ARG A 145 -18.31 -2.66 -2.73
CA ARG A 145 -17.63 -3.49 -1.75
C ARG A 145 -16.47 -2.74 -1.10
N ALA A 146 -15.75 -1.93 -1.88
CA ALA A 146 -14.63 -1.19 -1.32
C ALA A 146 -15.12 -0.20 -0.27
N ALA A 147 -16.19 0.54 -0.59
CA ALA A 147 -16.76 1.48 0.37
C ALA A 147 -17.20 0.77 1.65
N GLY A 148 -17.79 -0.43 1.51
CA GLY A 148 -18.15 -1.22 2.67
C GLY A 148 -16.95 -1.64 3.50
N ILE A 149 -15.88 -2.06 2.83
CA ILE A 149 -14.66 -2.45 3.54
C ILE A 149 -14.07 -1.25 4.27
N ILE A 150 -14.04 -0.08 3.61
CA ILE A 150 -13.49 1.12 4.24
C ILE A 150 -14.28 1.46 5.51
N ALA A 151 -15.61 1.40 5.44
CA ALA A 151 -16.44 1.69 6.60
C ALA A 151 -16.15 0.71 7.74
N ILE A 152 -16.10 -0.57 7.44
CA ILE A 152 -15.81 -1.58 8.46
C ILE A 152 -14.44 -1.32 9.09
N CYS A 153 -13.44 -0.98 8.26
CA CYS A 153 -12.10 -0.77 8.78
C CYS A 153 -12.01 0.48 9.67
N TRP A 154 -12.80 1.51 9.38
CA TRP A 154 -12.83 2.66 10.27
C TRP A 154 -13.42 2.30 11.62
N VAL A 155 -14.50 1.50 11.63
CA VAL A 155 -15.09 1.05 12.88
C VAL A 155 -14.07 0.22 13.68
N LEU A 156 -13.41 -0.72 13.01
CA LEU A 156 -12.40 -1.55 13.67
C LEU A 156 -11.23 -0.71 14.19
N SER A 157 -10.88 0.36 13.48
CA SER A 157 -9.79 1.23 13.91
C SER A 157 -10.15 1.98 15.18
N PHE A 158 -11.41 2.43 15.30
CA PHE A 158 -11.87 3.02 16.56
C PHE A 158 -11.84 1.99 17.69
N ALA A 159 -12.29 0.76 17.43
CA ALA A 159 -12.27 -0.29 18.45
C ALA A 159 -10.85 -0.56 18.91
N ILE A 160 -9.92 -0.70 17.97
CA ILE A 160 -8.54 -1.03 18.30
C ILE A 160 -7.86 0.16 18.98
N GLY A 161 -8.00 1.35 18.40
CA GLY A 161 -7.29 2.51 18.92
C GLY A 161 -7.82 3.02 20.26
N LEU A 162 -9.12 2.89 20.50
CA LEU A 162 -9.70 3.32 21.75
C LEU A 162 -9.89 2.20 22.75
N THR A 163 -9.28 1.04 22.51
CA THR A 163 -9.32 -0.06 23.48
C THR A 163 -8.93 0.37 24.89
N PRO A 164 -7.92 1.23 25.10
CA PRO A 164 -7.66 1.71 26.48
C PRO A 164 -8.87 2.34 27.15
N MET A 165 -9.78 2.95 26.38
CA MET A 165 -10.99 3.53 26.95
C MET A 165 -11.95 2.47 27.47
N LEU A 166 -11.81 1.23 27.03
N LEU A 166 -11.79 1.23 27.04
CA LEU A 166 -12.65 0.16 27.53
CA LEU A 166 -12.62 0.14 27.52
C LEU A 166 -12.16 -0.40 28.86
C LEU A 166 -12.11 -0.45 28.82
N GLY A 167 -11.10 0.16 29.44
CA GLY A 167 -10.62 -0.26 30.74
C GLY A 167 -9.16 -0.67 30.77
N TRP A 168 -8.50 -0.81 29.63
CA TRP A 168 -7.07 -1.13 29.62
C TRP A 168 -6.28 0.18 29.70
N ASN A 169 -6.27 0.77 30.89
CA ASN A 169 -5.66 2.07 31.04
C ASN A 169 -5.09 2.18 32.45
N ASN A 170 -4.38 3.27 32.72
CA ASN A 170 -3.81 3.50 34.05
C ASN A 170 -4.61 4.47 34.89
N CYS A 171 -5.86 4.76 34.53
CA CYS A 171 -6.66 5.72 35.30
C CYS A 171 -6.95 5.22 36.70
N GLY A 172 -6.98 3.90 36.90
CA GLY A 172 -7.19 3.37 38.23
C GLY A 172 -6.02 3.60 39.17
N GLN A 173 -4.87 4.00 38.65
CA GLN A 173 -3.65 4.20 39.45
C GLN A 173 -3.04 5.56 39.14
N PRO A 174 -3.74 6.65 39.41
CA PRO A 174 -3.23 7.98 39.05
C PRO A 174 -1.97 8.33 39.81
N LYS A 175 -1.13 9.14 39.18
CA LYS A 175 0.06 9.69 39.81
C LYS A 175 -0.36 10.92 40.62
N GLU A 176 -0.71 10.69 41.88
CA GLU A 176 -1.28 11.75 42.72
C GLU A 176 -0.28 12.84 43.03
N GLY A 177 1.00 12.51 43.19
CA GLY A 177 1.99 13.54 43.43
C GLY A 177 2.11 14.49 42.27
N LYS A 178 2.10 13.95 41.05
CA LYS A 178 2.14 14.82 39.87
C LYS A 178 0.87 15.65 39.77
N ALA A 179 -0.29 15.03 40.03
CA ALA A 179 -1.55 15.78 39.98
C ALA A 179 -1.61 16.87 41.04
N HIS A 180 -1.20 16.55 42.28
CA HIS A 180 -1.18 17.57 43.33
C HIS A 180 -0.19 18.68 42.99
N SER A 181 1.00 18.30 42.50
CA SER A 181 1.99 19.30 42.13
C SER A 181 1.47 20.28 41.09
N GLN A 182 0.65 19.80 40.16
CA GLN A 182 0.05 20.67 39.15
C GLN A 182 -1.25 21.32 39.62
N GLY A 183 -1.63 21.13 40.87
CA GLY A 183 -2.86 21.75 41.33
C GLY A 183 -4.09 21.16 40.72
N CYS A 184 -4.01 19.93 40.22
CA CYS A 184 -5.18 19.31 39.61
C CYS A 184 -6.29 19.10 40.65
N GLY A 185 -7.51 19.04 40.14
CA GLY A 185 -8.67 18.82 40.97
C GLY A 185 -8.94 17.36 41.24
N GLU A 186 -9.91 17.11 42.11
CA GLU A 186 -10.27 15.74 42.44
C GLU A 186 -10.78 15.04 41.19
N GLY A 187 -10.29 13.84 40.95
CA GLY A 187 -10.63 13.10 39.75
C GLY A 187 -9.84 13.46 38.52
N GLN A 188 -8.85 14.34 38.63
CA GLN A 188 -8.06 14.76 37.49
C GLN A 188 -6.62 14.25 37.63
N VAL A 189 -5.95 14.16 36.49
CA VAL A 189 -4.55 13.80 36.44
C VAL A 189 -3.83 14.81 35.57
N ALA A 190 -2.51 14.90 35.76
CA ALA A 190 -1.67 15.57 34.77
C ALA A 190 -1.72 14.75 33.49
N CYS A 191 -2.19 15.35 32.40
CA CYS A 191 -2.50 14.56 31.20
C CYS A 191 -1.24 14.35 30.38
N LEU A 192 -0.64 13.16 30.53
CA LEU A 192 0.59 12.77 29.87
C LEU A 192 0.37 11.39 29.25
N PHE A 193 0.90 11.17 28.04
CA PHE A 193 0.60 9.94 27.31
C PHE A 193 0.99 8.70 28.10
N GLU A 194 2.24 8.63 28.56
CA GLU A 194 2.70 7.41 29.22
C GLU A 194 2.14 7.25 30.63
N ASP A 195 1.49 8.27 31.18
CA ASP A 195 0.83 8.11 32.48
C ASP A 195 -0.54 7.47 32.37
N VAL A 196 -1.23 7.60 31.24
CA VAL A 196 -2.59 7.08 31.12
C VAL A 196 -2.65 5.85 30.20
N VAL A 197 -1.81 5.75 29.18
CA VAL A 197 -1.83 4.63 28.24
C VAL A 197 -0.85 3.57 28.73
N PRO A 198 -1.29 2.35 29.03
CA PRO A 198 -0.36 1.32 29.51
C PRO A 198 0.64 0.92 28.42
N MET A 199 1.89 0.69 28.83
N MET A 199 1.89 0.68 28.84
CA MET A 199 2.91 0.37 27.84
CA MET A 199 2.93 0.36 27.89
C MET A 199 2.79 -1.06 27.32
C MET A 199 2.76 -1.05 27.32
N ASN A 200 2.19 -1.96 28.10
CA ASN A 200 1.94 -3.32 27.59
C ASN A 200 0.90 -3.29 26.48
N TYR A 201 -0.11 -2.42 26.61
CA TYR A 201 -1.02 -2.19 25.49
C TYR A 201 -0.26 -1.70 24.27
N MET A 202 0.61 -0.69 24.44
CA MET A 202 1.29 -0.08 23.31
C MET A 202 2.23 -1.07 22.62
N VAL A 203 2.90 -1.91 23.40
CA VAL A 203 3.90 -2.80 22.82
C VAL A 203 3.28 -4.09 22.30
N TYR A 204 2.51 -4.78 23.14
CA TYR A 204 2.00 -6.10 22.76
C TYR A 204 0.77 -5.99 21.87
N PHE A 205 -0.17 -5.12 22.25
CA PHE A 205 -1.43 -5.06 21.52
C PHE A 205 -1.32 -4.14 20.31
N ASN A 206 -0.93 -2.88 20.54
CA ASN A 206 -0.88 -1.94 19.43
C ASN A 206 0.28 -2.27 18.48
N PHE A 207 1.51 -2.31 19.00
CA PHE A 207 2.67 -2.45 18.11
C PHE A 207 2.75 -3.87 17.52
N PHE A 208 2.84 -4.90 18.36
CA PHE A 208 3.10 -6.24 17.84
C PHE A 208 1.90 -6.75 17.05
N ALA A 209 0.72 -6.75 17.66
CA ALA A 209 -0.43 -7.37 17.05
C ALA A 209 -1.03 -6.50 15.95
N CYS A 210 -1.20 -5.21 16.20
CA CYS A 210 -1.99 -4.38 15.30
C CYS A 210 -1.18 -3.60 14.28
N VAL A 211 0.14 -3.49 14.46
CA VAL A 211 0.97 -2.75 13.51
C VAL A 211 1.97 -3.69 12.86
N LEU A 212 2.78 -4.37 13.67
N LEU A 212 2.78 -4.37 13.67
CA LEU A 212 3.86 -5.19 13.14
CA LEU A 212 3.86 -5.19 13.15
C LEU A 212 3.33 -6.34 12.31
C LEU A 212 3.33 -6.35 12.31
N VAL A 213 2.33 -7.07 12.82
CA VAL A 213 1.77 -8.19 12.07
C VAL A 213 1.17 -7.75 10.74
N PRO A 214 0.33 -6.71 10.67
CA PRO A 214 -0.15 -6.27 9.35
C PRO A 214 0.96 -5.80 8.41
N LEU A 215 2.00 -5.11 8.91
CA LEU A 215 3.08 -4.72 8.02
C LEU A 215 3.81 -5.94 7.45
N LEU A 216 4.03 -6.97 8.28
CA LEU A 216 4.65 -8.19 7.78
C LEU A 216 3.75 -8.90 6.78
N LEU A 217 2.44 -8.86 6.99
CA LEU A 217 1.49 -9.37 5.99
C LEU A 217 1.61 -8.61 4.68
N MET A 218 1.70 -7.28 4.77
CA MET A 218 1.90 -6.46 3.58
C MET A 218 3.16 -6.84 2.82
N LEU A 219 4.26 -7.03 3.56
CA LEU A 219 5.50 -7.47 2.95
C LEU A 219 5.31 -8.77 2.19
N GLY A 220 4.65 -9.74 2.83
CA GLY A 220 4.38 -11.00 2.16
C GLY A 220 3.55 -10.82 0.90
N VAL A 221 2.55 -9.95 0.95
CA VAL A 221 1.70 -9.69 -0.21
C VAL A 221 2.52 -9.08 -1.34
N TYR A 222 3.36 -8.10 -1.01
CA TYR A 222 4.19 -7.48 -2.04
C TYR A 222 5.17 -8.48 -2.64
N LEU A 223 5.73 -9.37 -1.82
CA LEU A 223 6.59 -10.43 -2.34
C LEU A 223 5.86 -11.29 -3.35
N ARG A 224 4.60 -11.65 -3.06
CA ARG A 224 3.83 -12.45 -4.00
C ARG A 224 3.47 -11.65 -5.25
N ILE A 225 3.25 -10.33 -5.11
CA ILE A 225 2.94 -9.50 -6.27
C ILE A 225 4.12 -9.47 -7.24
N PHE A 226 5.32 -9.21 -6.73
CA PHE A 226 6.49 -9.11 -7.58
C PHE A 226 6.89 -10.46 -8.14
N ALA A 227 6.75 -11.52 -7.35
CA ALA A 227 7.02 -12.87 -7.87
C ALA A 227 6.05 -13.23 -8.97
N ALA A 228 4.77 -12.87 -8.82
CA ALA A 228 3.78 -13.15 -9.85
C ALA A 228 4.10 -12.39 -11.13
N ALA A 229 4.50 -11.12 -11.00
CA ALA A 229 4.84 -10.33 -12.18
C ALA A 229 6.03 -10.91 -12.91
N ARG A 230 7.07 -11.28 -12.16
CA ARG A 230 8.27 -11.84 -12.77
C ARG A 230 7.95 -13.16 -13.47
N ARG A 231 7.09 -13.99 -12.86
CA ARG A 231 6.73 -15.26 -13.47
C ARG A 231 5.96 -15.02 -14.77
N GLN A 232 5.06 -14.03 -14.78
CA GLN A 232 4.26 -13.78 -15.98
C GLN A 232 5.10 -13.14 -17.07
N LEU A 233 6.11 -12.35 -16.69
CA LEU A 233 7.08 -11.86 -17.65
C LEU A 233 7.91 -13.01 -18.21
N ALA A 234 8.34 -13.93 -17.35
CA ALA A 234 9.04 -15.12 -17.83
C ALA A 234 8.18 -15.86 -18.83
N ASP A 235 6.90 -16.01 -18.53
CA ASP A 235 6.06 -16.89 -19.34
C ASP A 235 5.88 -16.30 -20.71
N LEU A 236 5.64 -14.99 -20.75
CA LEU A 236 5.50 -14.28 -22.01
C LEU A 236 6.77 -14.44 -22.84
N GLU A 237 7.94 -14.33 -22.22
CA GLU A 237 9.17 -14.46 -23.00
C GLU A 237 9.41 -15.92 -23.41
N ASP A 238 9.01 -16.87 -22.57
CA ASP A 238 9.15 -18.29 -22.93
C ASP A 238 8.20 -18.65 -24.08
N ASN A 239 6.97 -18.11 -24.02
CA ASN A 239 6.02 -18.40 -25.09
C ASN A 239 6.48 -17.77 -26.40
N TRP A 240 7.07 -16.58 -26.33
CA TRP A 240 7.64 -15.94 -27.51
C TRP A 240 8.81 -16.72 -28.06
N GLU A 241 9.69 -17.18 -27.19
CA GLU A 241 10.85 -17.96 -27.61
C GLU A 241 10.42 -19.30 -28.19
N THR A 242 9.42 -19.93 -27.58
CA THR A 242 8.93 -21.21 -28.08
C THR A 242 8.37 -21.07 -29.50
N LEU A 243 7.64 -19.98 -29.75
CA LEU A 243 7.10 -19.74 -31.09
C LEU A 243 8.22 -19.61 -32.13
N ASN A 244 9.26 -18.82 -31.83
CA ASN A 244 10.34 -18.61 -32.78
C ASN A 244 11.25 -19.83 -32.90
N ASP A 245 11.47 -20.57 -31.80
CA ASP A 245 12.33 -21.75 -31.91
C ASP A 245 11.67 -22.83 -32.75
N ASN A 246 10.38 -23.10 -32.53
CA ASN A 246 9.74 -24.18 -33.27
C ASN A 246 9.56 -23.86 -34.75
N LEU A 247 9.44 -22.58 -35.11
CA LEU A 247 9.43 -22.22 -36.52
C LEU A 247 10.76 -22.58 -37.16
N LYS A 248 11.85 -22.26 -36.46
CA LYS A 248 13.20 -22.59 -36.88
C LYS A 248 13.40 -24.10 -36.93
N VAL A 249 12.80 -24.83 -35.98
CA VAL A 249 12.87 -26.29 -35.97
C VAL A 249 12.25 -26.85 -37.24
N ILE A 250 11.09 -26.30 -37.64
CA ILE A 250 10.37 -26.74 -38.83
C ILE A 250 11.19 -26.46 -40.09
N GLU A 251 11.86 -25.31 -40.14
CA GLU A 251 12.62 -24.95 -41.33
C GLU A 251 13.72 -25.97 -41.61
N LYS A 252 14.31 -26.51 -40.55
CA LYS A 252 15.42 -27.44 -40.66
C LYS A 252 14.95 -28.87 -40.42
N ALA A 253 13.64 -29.10 -40.40
CA ALA A 253 13.01 -30.41 -40.32
C ALA A 253 13.20 -31.19 -41.61
N ASP A 254 13.16 -32.53 -41.49
CA ASP A 254 13.29 -33.41 -42.65
C ASP A 254 12.05 -34.25 -42.91
N ASN A 255 11.63 -35.10 -41.97
CA ASN A 255 10.39 -35.84 -42.17
C ASN A 255 9.17 -35.04 -41.70
N ALA A 256 7.99 -35.54 -42.09
CA ALA A 256 6.74 -34.86 -41.75
C ALA A 256 6.45 -34.94 -40.25
N ALA A 257 6.92 -35.99 -39.58
CA ALA A 257 6.65 -36.17 -38.16
C ALA A 257 7.31 -35.08 -37.32
N GLN A 258 8.52 -34.65 -37.71
CA GLN A 258 9.18 -33.58 -36.99
C GLN A 258 8.43 -32.26 -37.17
N VAL A 259 7.96 -31.99 -38.39
CA VAL A 259 7.11 -30.81 -38.61
C VAL A 259 5.86 -30.90 -37.76
N LYS A 260 5.27 -32.10 -37.68
CA LYS A 260 4.06 -32.29 -36.89
C LYS A 260 4.32 -32.06 -35.41
N ASP A 261 5.45 -32.56 -34.91
CA ASP A 261 5.79 -32.36 -33.49
C ASP A 261 5.90 -30.88 -33.16
N ALA A 262 6.61 -30.12 -34.00
CA ALA A 262 6.83 -28.71 -33.71
C ALA A 262 5.53 -27.91 -33.79
N LEU A 263 4.68 -28.21 -34.77
CA LEU A 263 3.43 -27.46 -34.90
C LEU A 263 2.51 -27.73 -33.72
N THR A 264 2.49 -28.97 -33.23
CA THR A 264 1.67 -29.31 -32.07
C THR A 264 2.12 -28.54 -30.83
N LYS A 265 3.44 -28.39 -30.66
CA LYS A 265 3.95 -27.59 -29.56
C LYS A 265 3.61 -26.11 -29.73
N MET A 266 3.59 -25.63 -30.97
CA MET A 266 3.20 -24.25 -31.23
C MET A 266 1.72 -24.03 -30.96
N ARG A 267 0.88 -24.98 -31.36
CA ARG A 267 -0.57 -24.81 -31.23
C ARG A 267 -0.97 -24.70 -29.76
N ALA A 268 -0.47 -25.61 -28.92
CA ALA A 268 -0.77 -25.53 -27.49
C ALA A 268 -0.21 -24.25 -26.87
N ALA A 269 0.96 -23.82 -27.32
CA ALA A 269 1.54 -22.58 -26.81
C ALA A 269 0.79 -21.36 -27.30
N ALA A 270 0.27 -21.40 -28.53
CA ALA A 270 -0.47 -20.27 -29.09
C ALA A 270 -1.78 -20.04 -28.33
N LEU A 271 -2.50 -21.11 -28.02
CA LEU A 271 -3.71 -21.00 -27.21
C LEU A 271 -3.41 -20.57 -25.78
N ASP A 272 -2.25 -20.95 -25.23
CA ASP A 272 -1.91 -20.54 -23.88
C ASP A 272 -1.69 -19.03 -23.79
N ALA A 273 -1.10 -18.43 -24.83
CA ALA A 273 -0.95 -16.99 -24.82
C ALA A 273 -2.27 -16.29 -25.14
N GLN A 274 -3.21 -17.02 -25.75
CA GLN A 274 -4.54 -16.51 -26.09
C GLN A 274 -5.46 -16.44 -24.87
N LYS A 275 -4.90 -16.46 -23.66
CA LYS A 275 -5.70 -16.38 -22.44
C LYS A 275 -5.07 -15.39 -21.44
N PHE A 294 -6.13 -8.24 -32.10
CA PHE A 294 -5.43 -9.18 -31.24
C PHE A 294 -6.04 -10.56 -31.36
N ARG A 295 -7.36 -10.63 -31.21
CA ARG A 295 -8.06 -11.92 -31.31
C ARG A 295 -7.93 -12.46 -32.72
N HIS A 296 -8.00 -11.56 -33.70
CA HIS A 296 -7.89 -11.93 -35.10
C HIS A 296 -6.50 -12.50 -35.37
N GLY A 297 -5.47 -11.90 -34.77
CA GLY A 297 -4.11 -12.38 -34.94
C GLY A 297 -3.95 -13.81 -34.45
N PHE A 298 -4.52 -14.12 -33.29
CA PHE A 298 -4.44 -15.50 -32.81
C PHE A 298 -5.34 -16.43 -33.61
N ASP A 299 -6.44 -15.90 -34.14
CA ASP A 299 -7.26 -16.71 -35.05
C ASP A 299 -6.48 -17.05 -36.31
N ILE A 300 -5.70 -16.09 -36.81
CA ILE A 300 -4.85 -16.36 -37.97
C ILE A 300 -3.74 -17.33 -37.57
N LEU A 301 -3.12 -17.11 -36.41
CA LEU A 301 -2.00 -17.94 -35.98
C LEU A 301 -2.40 -19.39 -35.84
N VAL A 302 -3.46 -19.65 -35.08
CA VAL A 302 -3.94 -21.02 -34.90
C VAL A 302 -4.38 -21.61 -36.23
N GLY A 303 -5.14 -20.85 -37.01
CA GLY A 303 -5.59 -21.34 -38.29
C GLY A 303 -4.44 -21.70 -39.22
N GLN A 304 -3.38 -20.89 -39.19
CA GLN A 304 -2.23 -21.19 -40.03
C GLN A 304 -1.44 -22.38 -39.49
N ILE A 305 -1.39 -22.54 -38.16
CA ILE A 305 -0.78 -23.73 -37.57
C ILE A 305 -1.58 -24.97 -37.95
N ASP A 306 -2.91 -24.88 -37.90
CA ASP A 306 -3.76 -26.02 -38.28
C ASP A 306 -3.56 -26.37 -39.75
N ASP A 307 -3.42 -25.36 -40.61
CA ASP A 307 -3.16 -25.62 -42.03
C ASP A 307 -1.90 -26.47 -42.19
N ALA A 308 -0.80 -26.05 -41.57
CA ALA A 308 0.45 -26.81 -41.71
C ALA A 308 0.34 -28.18 -41.05
N LEU A 309 -0.40 -28.29 -39.95
CA LEU A 309 -0.58 -29.58 -39.29
C LEU A 309 -1.32 -30.55 -40.20
N LYS A 310 -2.31 -30.06 -40.94
CA LYS A 310 -3.04 -30.94 -41.83
C LYS A 310 -2.16 -31.44 -42.97
N LEU A 311 -1.34 -30.55 -43.55
CA LEU A 311 -0.37 -30.99 -44.57
C LEU A 311 0.66 -31.95 -43.99
N ALA A 312 1.14 -31.67 -42.78
CA ALA A 312 2.12 -32.55 -42.15
C ALA A 312 1.55 -33.95 -41.92
N ASN A 313 0.29 -34.05 -41.48
CA ASN A 313 -0.31 -35.37 -41.27
C ASN A 313 -0.50 -36.14 -42.56
N GLU A 314 -0.52 -35.46 -43.70
CA GLU A 314 -0.60 -36.08 -45.00
C GLU A 314 0.77 -36.42 -45.58
N GLY A 315 1.84 -36.21 -44.82
CA GLY A 315 3.19 -36.47 -45.29
C GLY A 315 3.74 -35.48 -46.29
N LYS A 316 3.09 -34.33 -46.46
CA LYS A 316 3.55 -33.32 -47.39
C LYS A 316 4.42 -32.34 -46.61
N VAL A 317 5.71 -32.69 -46.50
CA VAL A 317 6.62 -31.93 -45.65
C VAL A 317 6.86 -30.53 -46.22
N LYS A 318 7.28 -30.43 -47.48
CA LYS A 318 7.58 -29.13 -48.08
C LYS A 318 6.37 -28.20 -48.04
N GLU A 319 5.17 -28.72 -48.30
CA GLU A 319 3.98 -27.87 -48.25
C GLU A 319 3.69 -27.42 -46.83
N ALA A 320 3.90 -28.30 -45.85
CA ALA A 320 3.70 -27.91 -44.45
C ALA A 320 4.75 -26.87 -44.03
N GLN A 321 6.01 -27.07 -44.42
CA GLN A 321 7.05 -26.09 -44.09
C GLN A 321 6.79 -24.73 -44.73
N ALA A 322 6.31 -24.72 -45.98
CA ALA A 322 6.01 -23.45 -46.64
C ALA A 322 4.83 -22.74 -45.97
N ALA A 323 3.80 -23.48 -45.56
CA ALA A 323 2.69 -22.87 -44.87
C ALA A 323 3.12 -22.32 -43.51
N ALA A 324 4.02 -23.03 -42.83
CA ALA A 324 4.53 -22.58 -41.55
C ALA A 324 5.37 -21.31 -41.67
N GLU A 325 5.98 -21.05 -42.84
CA GLU A 325 6.74 -19.82 -42.97
C GLU A 325 5.85 -18.58 -42.95
N GLN A 326 4.56 -18.72 -43.30
CA GLN A 326 3.61 -17.61 -43.21
C GLN A 326 3.31 -17.20 -41.78
N LEU A 327 3.59 -18.06 -40.79
CA LEU A 327 3.35 -17.68 -39.40
C LEU A 327 4.17 -16.45 -39.05
N LYS A 328 5.31 -16.31 -39.71
CA LYS A 328 6.21 -15.20 -39.48
C LYS A 328 5.54 -13.88 -39.84
N THR A 329 4.74 -13.88 -40.91
CA THR A 329 3.95 -12.70 -41.27
C THR A 329 2.95 -12.35 -40.19
N THR A 330 2.26 -13.36 -39.65
CA THR A 330 1.32 -13.13 -38.56
C THR A 330 2.03 -12.67 -37.30
N ARG A 331 3.20 -13.26 -37.03
CA ARG A 331 3.96 -12.93 -35.84
C ARG A 331 4.39 -11.46 -35.85
N ASN A 332 4.85 -10.97 -37.01
CA ASN A 332 5.31 -9.59 -37.08
C ASN A 332 4.15 -8.60 -37.00
N ALA A 333 3.04 -8.90 -37.68
CA ALA A 333 1.95 -7.92 -37.75
C ALA A 333 1.06 -7.92 -36.53
N TYR A 334 0.98 -9.03 -35.80
CA TYR A 334 0.07 -9.15 -34.67
C TYR A 334 0.74 -9.57 -33.37
N ILE A 335 1.38 -10.74 -33.38
CA ILE A 335 1.78 -11.38 -32.12
C ILE A 335 2.79 -10.54 -31.37
N GLN A 336 3.78 -9.97 -32.07
CA GLN A 336 4.76 -9.18 -31.35
C GLN A 336 4.13 -7.94 -30.72
N LYS A 337 3.15 -7.31 -31.40
CA LYS A 337 2.48 -6.17 -30.76
C LYS A 337 1.62 -6.63 -29.59
N TYR A 338 0.98 -7.80 -29.72
CA TYR A 338 0.14 -8.40 -28.69
C TYR A 338 1.05 -8.94 -27.58
N LEU A 339 2.35 -8.65 -27.71
CA LEU A 339 3.37 -9.10 -26.79
C LEU A 339 3.89 -7.91 -26.01
N GLU A 340 4.33 -6.84 -26.69
CA GLU A 340 4.99 -5.85 -25.86
C GLU A 340 3.94 -5.08 -25.10
N ARG A 341 2.66 -5.27 -25.45
CA ARG A 341 1.60 -4.53 -24.79
C ARG A 341 1.31 -5.19 -23.46
N ALA A 342 1.28 -6.53 -23.47
CA ALA A 342 1.11 -7.27 -22.24
C ALA A 342 2.31 -7.07 -21.33
N ARG A 343 3.51 -7.11 -21.91
CA ARG A 343 4.71 -6.82 -21.15
C ARG A 343 4.70 -5.40 -20.62
N SER A 344 4.22 -4.44 -21.42
CA SER A 344 4.16 -3.05 -20.97
C SER A 344 3.16 -2.91 -19.83
N THR A 345 2.00 -3.59 -19.96
CA THR A 345 0.99 -3.56 -18.91
C THR A 345 1.51 -4.16 -17.61
N LEU A 346 2.24 -5.28 -17.70
CA LEU A 346 2.79 -5.90 -16.50
C LEU A 346 3.77 -4.95 -15.84
N GLN A 347 4.58 -4.28 -16.65
CA GLN A 347 5.56 -3.35 -16.12
C GLN A 347 4.89 -2.15 -15.47
N LYS A 348 3.76 -1.69 -16.02
CA LYS A 348 3.03 -0.62 -15.37
C LYS A 348 2.47 -1.10 -14.03
N GLU A 349 2.09 -2.38 -13.95
CA GLU A 349 1.62 -2.94 -12.69
C GLU A 349 2.76 -3.08 -11.69
N VAL A 350 3.94 -3.49 -12.16
CA VAL A 350 5.11 -3.51 -11.28
C VAL A 350 5.38 -2.11 -10.76
N HIS A 351 5.32 -1.11 -11.64
CA HIS A 351 5.57 0.27 -11.22
C HIS A 351 4.56 0.73 -10.19
N ALA A 352 3.28 0.45 -10.42
CA ALA A 352 2.25 0.85 -9.46
C ALA A 352 2.37 0.07 -8.16
N ALA A 353 2.78 -1.20 -8.22
CA ALA A 353 2.99 -1.96 -7.00
C ALA A 353 4.19 -1.43 -6.21
N LYS A 354 5.22 -0.95 -6.92
CA LYS A 354 6.37 -0.38 -6.23
C LYS A 354 6.00 0.92 -5.53
N SER A 355 5.18 1.74 -6.19
CA SER A 355 4.72 3.00 -5.60
C SER A 355 3.93 2.74 -4.32
N ALA A 356 2.99 1.80 -4.36
CA ALA A 356 2.25 1.43 -3.16
C ALA A 356 3.16 0.87 -2.08
N ALA A 357 4.16 0.06 -2.46
CA ALA A 357 5.06 -0.51 -1.49
C ALA A 357 5.94 0.56 -0.84
N ILE A 358 6.30 1.60 -1.59
CA ILE A 358 7.06 2.71 -1.01
C ILE A 358 6.25 3.41 0.06
N ILE A 359 4.95 3.63 -0.21
CA ILE A 359 4.05 4.25 0.77
C ILE A 359 4.02 3.42 2.04
N ALA A 360 3.83 2.10 1.91
CA ALA A 360 3.79 1.24 3.07
C ALA A 360 5.12 1.24 3.81
N GLY A 361 6.23 1.26 3.07
CA GLY A 361 7.53 1.29 3.69
C GLY A 361 7.81 2.59 4.41
N LEU A 362 7.34 3.72 3.85
CA LEU A 362 7.52 4.99 4.54
C LEU A 362 6.68 5.06 5.80
N PHE A 363 5.50 4.44 5.80
CA PHE A 363 4.74 4.34 7.04
C PHE A 363 5.55 3.61 8.10
N ALA A 364 6.16 2.49 7.73
CA ALA A 364 6.95 1.71 8.69
C ALA A 364 8.15 2.52 9.17
N LEU A 365 8.83 3.22 8.26
CA LEU A 365 10.01 3.99 8.63
C LEU A 365 9.66 5.13 9.58
N CYS A 366 8.50 5.77 9.36
CA CYS A 366 8.14 6.93 10.16
C CYS A 366 7.60 6.54 11.54
N TRP A 367 6.96 5.38 11.65
CA TRP A 367 6.33 4.96 12.89
C TRP A 367 7.21 4.06 13.75
N LEU A 368 8.13 3.30 13.14
CA LEU A 368 8.93 2.34 13.91
C LEU A 368 9.77 2.97 15.01
N PRO A 369 10.42 4.13 14.83
CA PRO A 369 11.23 4.66 15.94
C PRO A 369 10.44 4.85 17.23
N LEU A 370 9.24 5.44 17.15
CA LEU A 370 8.43 5.62 18.36
C LEU A 370 8.05 4.27 18.97
N HIS A 371 7.65 3.30 18.14
CA HIS A 371 7.30 1.99 18.68
C HIS A 371 8.53 1.32 19.30
N ILE A 372 9.70 1.48 18.68
CA ILE A 372 10.91 0.88 19.21
C ILE A 372 11.28 1.52 20.54
N ILE A 373 11.12 2.84 20.65
CA ILE A 373 11.35 3.50 21.93
C ILE A 373 10.43 2.93 23.00
N ASN A 374 9.15 2.73 22.66
CA ASN A 374 8.23 2.13 23.61
C ASN A 374 8.70 0.75 24.05
N CYS A 375 9.29 -0.02 23.12
CA CYS A 375 9.80 -1.33 23.48
C CYS A 375 10.91 -1.20 24.52
N PHE A 376 11.80 -0.21 24.34
CA PHE A 376 12.86 0.00 25.32
C PHE A 376 12.30 0.44 26.67
N THR A 377 11.34 1.36 26.67
CA THR A 377 10.68 1.77 27.91
C THR A 377 10.10 0.57 28.64
N PHE A 378 9.42 -0.29 27.89
CA PHE A 378 8.68 -1.41 28.47
C PHE A 378 9.59 -2.56 28.85
N PHE A 379 10.44 -3.00 27.91
CA PHE A 379 11.24 -4.21 28.11
C PHE A 379 12.51 -3.99 28.91
N CYS A 380 12.98 -2.75 29.06
CA CYS A 380 14.24 -2.48 29.75
C CYS A 380 14.02 -1.47 30.88
N PRO A 381 13.39 -1.89 31.97
CA PRO A 381 13.22 -0.97 33.12
C PRO A 381 14.54 -0.55 33.78
N ASP A 382 15.64 -1.27 33.53
CA ASP A 382 16.96 -0.86 34.01
C ASP A 382 17.61 0.18 33.10
N CYS A 383 17.05 0.41 31.92
CA CYS A 383 17.54 1.43 31.00
C CYS A 383 16.90 2.76 31.33
N SER A 384 17.72 3.81 31.34
CA SER A 384 17.19 5.16 31.43
C SER A 384 16.18 5.39 30.31
N HIS A 385 15.09 6.10 30.64
CA HIS A 385 14.10 6.43 29.64
C HIS A 385 14.72 7.28 28.53
N ALA A 386 14.33 6.99 27.28
CA ALA A 386 14.70 7.85 26.17
C ALA A 386 14.49 9.30 26.53
N PRO A 387 15.44 10.19 26.24
CA PRO A 387 15.29 11.60 26.64
C PRO A 387 14.12 12.27 25.91
N LEU A 388 13.67 13.37 26.50
CA LEU A 388 12.47 14.03 26.01
C LEU A 388 12.65 14.56 24.59
N TRP A 389 13.85 15.05 24.25
CA TRP A 389 14.05 15.53 22.89
C TRP A 389 13.89 14.41 21.87
N LEU A 390 14.29 13.18 22.24
CA LEU A 390 14.14 12.06 21.32
C LEU A 390 12.69 11.61 21.20
N MET A 391 11.94 11.64 22.31
CA MET A 391 10.51 11.39 22.26
C MET A 391 9.84 12.36 21.28
N TYR A 392 10.16 13.67 21.40
CA TYR A 392 9.59 14.66 20.50
C TYR A 392 9.99 14.39 19.07
N LEU A 393 11.25 14.01 18.85
CA LEU A 393 11.71 13.69 17.50
C LEU A 393 10.95 12.50 16.95
N ALA A 394 10.74 11.47 17.78
CA ALA A 394 10.03 10.29 17.32
C ALA A 394 8.56 10.60 17.08
N ILE A 395 7.97 11.48 17.89
CA ILE A 395 6.58 11.88 17.68
C ILE A 395 6.44 12.66 16.40
N VAL A 396 7.29 13.67 16.19
CA VAL A 396 7.17 14.48 14.98
CA VAL A 396 7.22 14.49 14.99
C VAL A 396 7.48 13.65 13.74
N LEU A 397 8.42 12.71 13.83
CA LEU A 397 8.69 11.85 12.69
C LEU A 397 7.45 11.04 12.31
N SER A 398 6.76 10.47 13.31
CA SER A 398 5.55 9.72 13.02
C SER A 398 4.49 10.60 12.35
N HIS A 399 4.44 11.89 12.69
CA HIS A 399 3.49 12.80 12.06
C HIS A 399 3.90 13.21 10.66
N THR A 400 5.21 13.27 10.39
N THR A 400 5.21 13.28 10.37
CA THR A 400 5.70 13.60 9.05
CA THR A 400 5.65 13.61 9.02
C THR A 400 5.20 12.61 8.00
C THR A 400 5.16 12.61 7.99
N ASN A 401 4.85 11.39 8.41
CA ASN A 401 4.32 10.41 7.46
C ASN A 401 3.03 10.91 6.82
N SER A 402 2.26 11.74 7.53
CA SER A 402 1.04 12.28 6.96
C SER A 402 1.29 13.36 5.93
N VAL A 403 2.54 13.74 5.70
CA VAL A 403 2.93 14.67 4.65
C VAL A 403 3.39 13.95 3.38
N VAL A 404 3.93 12.74 3.53
CA VAL A 404 4.80 12.22 2.48
C VAL A 404 4.02 11.61 1.31
N ASN A 405 2.84 11.03 1.56
CA ASN A 405 2.14 10.32 0.49
C ASN A 405 1.83 11.22 -0.72
N PRO A 406 1.28 12.43 -0.58
CA PRO A 406 1.07 13.28 -1.77
C PRO A 406 2.32 13.44 -2.64
N PHE A 407 3.51 13.48 -2.05
CA PHE A 407 4.74 13.60 -2.84
C PHE A 407 5.02 12.32 -3.61
N ILE A 408 4.75 11.16 -2.99
CA ILE A 408 4.99 9.91 -3.69
C ILE A 408 4.05 9.79 -4.89
N TYR A 409 2.79 10.19 -4.72
CA TYR A 409 1.86 10.18 -5.85
C TYR A 409 2.32 11.15 -6.94
N ALA A 410 2.84 12.31 -6.53
CA ALA A 410 3.28 13.32 -7.51
C ALA A 410 4.48 12.84 -8.30
N TYR A 411 5.45 12.19 -7.63
CA TYR A 411 6.66 11.77 -8.33
C TYR A 411 6.49 10.47 -9.10
N ARG A 412 5.52 9.63 -8.72
CA ARG A 412 5.45 8.28 -9.27
C ARG A 412 4.20 7.97 -10.09
N ILE A 413 3.14 8.76 -10.00
CA ILE A 413 1.90 8.49 -10.72
C ILE A 413 1.54 9.68 -11.60
N ARG A 414 1.57 9.47 -12.91
CA ARG A 414 1.38 10.59 -13.84
C ARG A 414 -0.02 11.17 -13.74
N GLU A 415 -1.04 10.32 -13.59
CA GLU A 415 -2.41 10.85 -13.54
C GLU A 415 -2.58 11.78 -12.34
N PHE A 416 -1.98 11.44 -11.21
CA PHE A 416 -2.01 12.34 -10.05
C PHE A 416 -1.19 13.60 -10.30
N ARG A 417 0.04 13.44 -10.78
CA ARG A 417 0.91 14.59 -11.02
C ARG A 417 0.26 15.58 -11.97
N GLN A 418 -0.33 15.06 -13.07
CA GLN A 418 -0.98 15.93 -14.03
C GLN A 418 -2.21 16.61 -13.43
N THR A 419 -2.96 15.87 -12.61
CA THR A 419 -4.14 16.45 -11.98
C THR A 419 -3.75 17.48 -10.92
N PHE A 420 -2.67 17.21 -10.18
CA PHE A 420 -2.14 18.21 -9.26
C PHE A 420 -1.82 19.52 -9.97
N ARG A 421 -1.15 19.44 -11.12
CA ARG A 421 -0.75 20.65 -11.84
C ARG A 421 -1.98 21.46 -12.26
N LYS A 422 -3.01 20.80 -12.79
CA LYS A 422 -4.21 21.50 -13.23
C LYS A 422 -4.92 22.17 -12.07
N ILE A 423 -4.97 21.48 -10.92
CA ILE A 423 -5.60 22.05 -9.72
C ILE A 423 -4.86 23.30 -9.27
N ILE A 424 -3.53 23.23 -9.23
CA ILE A 424 -2.76 24.36 -8.72
C ILE A 424 -2.95 25.56 -9.64
N ARG A 425 -2.84 25.34 -10.96
CA ARG A 425 -3.05 26.45 -11.88
C ARG A 425 -4.45 27.02 -11.78
N SER A 426 -5.48 26.17 -11.90
CA SER A 426 -6.88 26.61 -11.78
C SER A 426 -7.22 26.97 -10.33
C4 A1H3K B . 1.14 11.91 21.79
C3 A1H3K B . 2.31 11.26 21.08
O3 A1H3K B . 3.34 5.90 21.88
C2 A1H3K B . 1.92 8.91 20.54
C1 A1H3K B . 1.49 6.56 20.04
C5 A1H3K B . 3.32 9.48 22.42
C6 A1H3K B . 3.66 8.17 22.58
C12 A1H3K B . 6.39 13.00 26.96
C11 A1H3K B . 6.48 11.65 26.64
C10 A1H3K B . 5.71 11.12 25.50
C9 A1H3K B . 5.58 9.86 25.12
C8 A1H3K B . 4.70 9.45 24.03
C7 A1H3K B . 5.23 6.97 24.19
O1 A1H3K B . 8.32 13.12 30.06
N A1H3K B . 2.18 7.58 20.84
C A1H3K B . 2.25 6.16 18.80
O A1H3K B . 1.28 9.23 19.57
C13 A1H3K B . 7.00 13.49 28.10
C14 A1H3K B . 7.74 12.65 28.94
C15 A1H3K B . 7.84 11.30 28.60
C16 A1H3K B . 7.22 10.81 27.47
C17 A1H3K B . 5.92 15.62 27.92
C18 A1H3K B . 3.09 7.09 21.80
N1 A1H3K B . 2.43 9.84 21.44
N2 A1H3K B . 4.56 8.15 23.62
N3 A1H3K B . 3.95 10.29 23.31
O2 A1H3K B . 6.90 14.79 28.54
C1 CLR C . 14.59 -5.68 24.68
C2 CLR C . 15.15 -5.43 26.07
C3 CLR C . 16.65 -5.23 26.05
C4 CLR C . 17.02 -4.12 25.08
C5 CLR C . 16.44 -4.36 23.71
C6 CLR C . 17.21 -4.33 22.63
C7 CLR C . 16.72 -4.45 21.23
C8 CLR C . 15.20 -4.30 21.13
C9 CLR C . 14.51 -5.09 22.25
C10 CLR C . 14.94 -4.58 23.65
C11 CLR C . 13.00 -5.17 22.08
C12 CLR C . 12.53 -5.51 20.66
C13 CLR C . 13.17 -4.62 19.60
C14 CLR C . 14.70 -4.75 19.76
C15 CLR C . 15.28 -4.09 18.53
C16 CLR C . 14.24 -4.36 17.43
C17 CLR C . 13.02 -5.05 18.12
C18 CLR C . 12.69 -3.18 19.75
C19 CLR C . 14.24 -3.26 24.04
C20 CLR C . 11.69 -4.74 17.42
C21 CLR C . 10.60 -5.77 17.71
C22 CLR C . 11.94 -4.57 15.91
C23 CLR C . 10.76 -4.81 14.98
C24 CLR C . 11.09 -5.94 14.00
C25 CLR C . 10.67 -5.65 12.57
C26 CLR C . 11.27 -6.70 11.63
C27 CLR C . 11.08 -4.24 12.14
O1 CLR C . 17.08 -4.94 27.37
C1 CLR D . 16.53 3.82 24.71
C2 CLR D . 16.82 4.23 26.15
C3 CLR D . 18.15 3.65 26.59
C4 CLR D . 19.26 4.13 25.65
C5 CLR D . 18.94 3.86 24.20
C6 CLR D . 19.81 3.25 23.40
C7 CLR D . 19.65 3.08 21.92
C8 CLR D . 18.46 3.85 21.36
C9 CLR D . 17.25 3.77 22.32
C10 CLR D . 17.58 4.35 23.72
C11 CLR D . 15.98 4.36 21.69
C12 CLR D . 15.68 3.80 20.29
C13 CLR D . 16.86 4.01 19.34
C14 CLR D . 18.06 3.30 19.99
C15 CLR D . 19.13 3.24 18.91
C16 CLR D . 18.31 2.99 17.63
C17 CLR D . 16.81 3.27 17.97
C18 CLR D . 17.14 5.51 19.14
C19 CLR D . 17.59 5.88 23.74
C20 CLR D . 16.06 3.86 16.76
C21 CLR D . 14.61 4.26 17.03
C22 CLR D . 16.08 2.87 15.60
C23 CLR D . 15.43 3.35 14.30
C24 CLR D . 14.97 2.21 13.41
C25 CLR D . 14.07 2.63 12.25
C26 CLR D . 13.37 1.41 11.64
C27 CLR D . 14.87 3.35 11.16
O1 CLR D . 18.37 4.03 27.94
C1 CLR E . -10.87 18.32 28.27
C2 CLR E . -10.50 18.28 29.74
C3 CLR E . -11.51 17.47 30.53
C4 CLR E . -11.63 16.06 29.95
C5 CLR E . -11.95 16.09 28.49
C6 CLR E . -13.01 15.40 28.04
C7 CLR E . -13.45 15.32 26.62
C8 CLR E . -12.43 15.91 25.64
C9 CLR E . -11.77 17.17 26.23
C10 CLR E . -11.07 16.95 27.59
C11 CLR E . -10.87 17.82 25.17
C12 CLR E . -11.66 18.19 23.92
C13 CLR E . -12.26 16.94 23.28
C14 CLR E . -13.15 16.30 24.35
C15 CLR E . -13.93 15.21 23.61
C16 CLR E . -14.19 15.86 22.24
C17 CLR E . -13.29 17.13 22.13
C18 CLR E . -11.17 15.97 22.82
C19 CLR E . -9.71 16.26 27.41
C20 CLR E . -12.81 17.31 20.68
C21 CLR E . -11.94 18.54 20.45
C22 CLR E . -14.03 17.34 19.75
C23 CLR E . -13.73 17.68 18.29
C24 CLR E . -14.86 17.26 17.37
C25 CLR E . -14.53 17.38 15.88
C26 CLR E . -14.48 18.86 15.48
C27 CLR E . -15.50 16.60 15.00
O1 CLR E . -11.13 17.42 31.88
C1 OLA F . 4.16 28.41 21.12
O1 OLA F . 3.40 29.40 21.12
O2 OLA F . 4.39 27.82 22.19
C2 OLA F . 4.79 27.95 19.82
C3 OLA F . 4.70 29.10 18.82
C4 OLA F . 3.66 28.76 17.77
C5 OLA F . 3.63 29.79 16.65
C6 OLA F . 3.17 29.14 15.35
C7 OLA F . 4.35 28.86 14.43
C8 OLA F . 3.91 28.30 13.08
C9 OLA F . 5.05 28.46 12.09
C1 OLA G . -2.80 24.05 29.30
O1 OLA G . -1.91 23.98 30.18
O2 OLA G . -3.99 24.16 29.65
C2 OLA G . -2.45 24.03 27.83
C3 OLA G . -3.72 23.81 27.03
C4 OLA G . -3.43 23.02 25.74
C5 OLA G . -3.18 23.97 24.57
C6 OLA G . -4.01 23.57 23.35
C7 OLA G . -3.12 23.18 22.18
C8 OLA G . -3.87 23.29 20.86
C9 OLA G . -2.90 23.53 19.74
C10 OLA G . -3.35 24.23 18.52
C11 OLA G . -4.83 24.22 18.19
C12 OLA G . -5.06 24.58 16.74
C13 OLA G . -6.56 24.58 16.46
C14 OLA G . -6.89 24.30 14.99
C15 OLA G . -7.05 22.81 14.70
C16 OLA G . -7.54 22.57 13.29
C17 OLA G . -8.71 23.49 12.94
C18 OLA G . -9.07 23.40 11.46
C1 OLA H . 13.52 19.68 24.92
O1 OLA H . 14.08 20.66 25.45
O2 OLA H . 13.43 18.61 25.56
C2 OLA H . 12.94 19.78 23.52
C3 OLA H . 14.07 19.97 22.52
C4 OLA H . 13.54 20.29 21.12
C5 OLA H . 12.50 19.27 20.68
C6 OLA H . 12.71 18.86 19.23
C7 OLA H . 11.46 19.08 18.38
C8 OLA H . 11.62 18.46 16.99
C9 OLA H . 12.82 19.07 16.32
C10 OLA H . 13.27 18.64 14.99
C11 OLA H . 12.36 18.76 13.79
C12 OLA H . 12.64 17.62 12.81
C13 OLA H . 12.12 17.98 11.42
C14 OLA H . 11.07 16.99 10.92
C15 OLA H . 11.42 15.55 11.28
C16 OLA H . 11.65 14.71 10.03
C1 OLA I . -7.87 22.68 30.98
O1 OLA I . -7.72 22.18 32.12
O2 OLA I . -7.53 23.87 30.78
C2 OLA I . -8.46 21.88 29.84
C3 OLA I . -8.45 22.75 28.59
C4 OLA I . -7.34 22.34 27.64
C5 OLA I . -7.67 21.05 26.90
C6 OLA I . -8.35 21.32 25.58
C7 OLA I . -7.32 21.60 24.49
C8 OLA I . -7.19 20.44 23.52
C9 OLA I . -8.33 20.45 22.54
C10 OLA I . -8.08 20.14 21.13
C11 OLA I . -7.90 21.23 20.10
C12 OLA I . -8.64 20.78 18.85
C13 OLA I . -8.55 21.82 17.74
C14 OLA I . -9.84 21.95 16.94
C15 OLA I . -10.66 20.67 16.90
C16 OLA I . -11.13 20.34 15.48
C17 OLA I . -11.68 21.54 14.73
C18 OLA I . -12.26 21.10 13.38
C10 OLC J . 8.90 -8.69 16.74
C9 OLC J . 9.45 -9.49 17.67
C11 OLC J . 9.57 -8.86 15.35
C8 OLC J . 9.55 -10.08 19.10
C24 OLC J . 14.39 -8.92 31.63
C12 OLC J . 9.81 -10.35 15.05
C7 OLC J . 10.78 -9.48 19.84
C6 OLC J . 10.34 -9.13 21.28
C5 OLC J . 11.48 -9.44 22.28
C4 OLC J . 11.12 -8.80 23.66
C3 OLC J . 12.31 -8.94 24.64
C2 OLC J . 11.83 -9.59 25.96
C21 OLC J . 13.52 -8.78 29.28
C1 OLC J . 12.61 -8.93 27.11
C22 OLC J . 13.13 -8.94 30.75
O19 OLC J . 13.32 -8.01 26.87
O25 OLC J . 14.36 -7.79 32.47
O23 OLC J . 12.29 -7.89 31.12
O20 OLC J . 12.51 -9.35 28.46
C1 OLA K . 8.57 -11.14 28.59
O1 OLA K . 8.46 -10.14 29.33
O2 OLA K . 9.04 -12.19 29.07
C2 OLA K . 8.14 -11.09 27.14
C3 OLA K . 8.57 -12.36 26.43
C4 OLA K . 8.70 -12.16 24.92
C5 OLA K . 7.51 -11.38 24.36
C6 OLA K . 6.85 -12.11 23.19
C7 OLA K . 7.48 -11.72 21.85
C8 OLA K . 6.42 -11.42 20.80
C9 OLA K . 6.57 -12.31 19.59
C10 OLA K . 6.49 -11.74 18.23
C11 OLA K . 5.72 -10.48 17.95
C12 OLA K . 5.81 -10.11 16.47
C13 OLA K . 5.11 -11.14 15.59
C1 OLA L . 3.32 -11.26 28.40
O1 OLA L . 3.18 -10.43 29.32
O2 OLA L . 4.05 -12.27 28.60
C2 OLA L . 2.65 -11.09 27.06
C3 OLA L . 3.01 -12.28 26.18
C4 OLA L . 3.63 -11.85 24.86
C5 OLA L . 2.61 -11.17 23.97
C6 OLA L . 2.17 -12.10 22.85
C7 OLA L . 2.90 -11.82 21.55
C8 OLA L . 2.40 -10.55 20.88
C9 OLA L . 1.06 -10.82 20.23
C10 OLA L . 0.99 -11.05 18.78
C11 OLA L . 2.24 -11.03 17.94
C1 OLA M . -14.63 9.97 -4.66
O1 OLA M . -15.15 11.00 -5.13
O2 OLA M . -14.77 8.88 -5.26
C2 OLA M . -13.84 10.06 -3.38
C3 OLA M . -12.78 11.14 -3.54
C4 OLA M . -12.86 12.20 -2.46
C5 OLA M . -14.29 12.40 -1.94
C6 OLA M . -14.37 12.22 -0.43
C7 OLA M . -13.04 12.56 0.25
C8 OLA M . -13.13 12.47 1.78
C9 OLA M . -12.75 13.83 2.30
C10 OLA M . -11.87 13.98 3.47
C11 OLA M . -12.38 13.68 4.86
C12 OLA M . -11.37 14.22 5.87
C13 OLA M . -12.09 15.03 6.95
C14 OLA M . -12.99 14.13 7.79
C15 OLA M . -14.25 14.89 8.24
C16 OLA M . -14.98 14.16 9.35
C17 OLA M . -14.43 14.55 10.71
C18 OLA M . -15.52 15.05 11.65
C1 OLA N . -22.55 -7.73 4.05
O1 OLA N . -22.32 -8.79 3.43
O2 OLA N . -23.59 -7.11 3.79
C2 OLA N . -21.56 -7.20 5.07
C3 OLA N . -22.23 -6.98 6.43
C4 OLA N . -21.64 -7.88 7.51
C5 OLA N . -20.15 -8.13 7.30
C6 OLA N . -19.29 -7.30 8.25
C7 OLA N . -18.04 -8.08 8.66
C8 OLA N . -17.46 -7.52 9.96
C9 OLA N . -16.64 -8.60 10.64
C10 OLA N . -16.70 -8.79 12.10
C11 OLA N . -15.95 -7.90 13.06
C12 OLA N . -16.40 -8.24 14.49
C13 OLA N . -15.29 -8.88 15.32
C14 OLA N . -14.98 -8.05 16.57
C15 OLA N . -13.66 -7.30 16.45
C16 OLA N . -13.29 -6.59 17.75
C17 OLA N . -11.85 -6.06 17.72
C18 OLA N . -11.50 -5.33 19.01
C10 OLA O . 2.85 18.83 1.39
C11 OLA O . 2.64 20.04 0.59
C12 OLA O . 1.56 20.07 -0.47
C13 OLA O . 1.30 21.51 -0.91
C14 OLA O . 0.04 21.62 -1.75
C15 OLA O . 0.15 22.75 -2.76
C16 OLA O . -0.90 23.82 -2.54
C17 OLA O . -2.27 23.22 -2.25
C10 OLC P . -13.69 9.88 8.90
C9 OLC P . -13.53 9.47 7.64
C11 OLC P . -14.08 8.75 9.87
C8 OLC P . -13.52 8.38 6.53
C24 OLC P . -17.16 3.66 -4.14
C16 OLC P . -13.65 12.85 14.73
C12 OLC P . -13.66 9.12 11.32
C7 OLC P . -14.36 8.90 5.34
C15 OLC P . -14.28 12.23 13.46
C13 OLC P . -13.86 10.66 11.53
C6 OLC P . -13.42 9.11 4.13
C14 OLC P . -13.39 11.07 12.95
C5 OLC P . -13.26 7.75 3.37
C4 OLC P . -13.69 7.97 1.90
C3 OLC P . -13.10 6.84 1.02
C2 OLC P . -13.49 7.09 -0.46
C21 OLC P . -15.87 4.89 -2.37
C1 OLC P . -14.77 6.29 -0.79
C22 OLC P . -16.82 5.04 -3.56
O19 OLC P . -15.41 5.84 0.11
O25 OLC P . -17.99 3.78 -5.28
O23 OLC P . -18.00 5.67 -3.15
O20 OLC P . -15.18 6.11 -2.13
C10 OLC Q . -1.53 27.95 17.06
C9 OLC Q . -0.77 28.44 18.06
C8 OLC Q . 0.01 28.29 19.40
C24 OLC Q . 5.52 23.82 28.69
C7 OLC Q . -0.51 27.04 20.16
C6 OLC Q . -0.21 27.20 21.69
C5 OLC Q . -0.84 25.99 22.45
C4 OLC Q . 0.10 25.58 23.61
C3 OLC Q . -0.13 26.52 24.82
C2 OLC Q . 0.20 25.77 26.15
C21 OLC Q . 3.54 24.57 27.35
C1 OLC Q . 1.73 25.77 26.40
C22 OLC Q . 3.98 23.85 28.62
O19 OLC Q . 2.47 26.29 25.63
O25 OLC Q . 5.93 22.47 28.64
O23 OLC Q . 3.48 24.51 29.75
O20 OLC Q . 2.26 25.15 27.56
C1 OLA R . -14.35 11.94 30.70
O1 OLA R . -13.88 11.39 31.71
O2 OLA R . -14.74 13.12 30.79
C2 OLA R . -14.44 11.20 29.38
C3 OLA R . -15.67 11.64 28.60
C4 OLA R . -15.27 12.24 27.26
C5 OLA R . -14.39 11.26 26.49
C6 OLA R . -15.20 10.44 25.50
C7 OLA R . -15.86 11.36 24.49
C8 OLA R . -17.28 10.93 24.14
C9 OLA R . -18.04 12.20 23.83
C10 OLA R . -18.09 12.72 22.44
C11 OLA R . -17.90 11.80 21.26
C12 OLA R . -17.32 12.58 20.09
C13 OLA R . -17.92 12.15 18.75
C14 OLA R . -19.25 12.88 18.52
C15 OLA R . -19.87 12.53 17.17
C16 OLA R . -18.95 12.93 16.02
C17 OLA R . -19.74 13.29 14.76
C18 OLA R . -18.84 13.91 13.70
C1 OLA S . -17.23 4.90 2.63
C2 OLA S . -17.78 5.72 3.79
C3 OLA S . -17.20 5.25 5.12
C4 OLA S . -17.03 6.44 6.08
C5 OLA S . -16.41 6.01 7.40
C6 OLA S . -17.44 5.29 8.24
C7 OLA S . -17.61 5.60 9.67
C8 OLA S . -16.44 5.94 10.56
C9 OLA S . -16.92 6.41 11.92
C10 OLA S . -17.77 5.34 12.60
C11 OLA S . -17.06 4.75 13.82
C12 OLA S . -17.35 5.53 15.09
C13 OLA S . -16.97 4.72 16.33
C14 OLA S . -17.54 3.31 16.21
C15 OLA S . -16.93 2.36 17.24
C2 OLA T . -18.38 9.71 13.76
C3 OLA T . -17.16 9.32 14.59
C4 OLA T . -17.47 9.39 16.08
C5 OLA T . -16.21 9.17 16.92
C6 OLA T . -16.39 7.99 17.87
C7 OLA T . -16.47 8.45 19.32
C8 OLA T . -16.05 7.35 20.29
C9 OLA T . -15.92 7.90 21.68
C1 OLA U . -9.53 -5.52 -1.15
O1 OLA U . -9.50 -4.30 -0.91
O2 OLA U . -9.73 -5.89 -2.32
C2 OLA U . -9.34 -6.53 -0.03
C3 OLA U . -9.79 -5.93 1.30
C4 OLA U . -8.84 -6.27 2.45
C5 OLA U . -8.98 -5.23 3.55
C6 OLA U . -8.08 -5.53 4.75
C7 OLA U . -8.90 -5.49 6.03
C1 OLA V . -19.79 -4.43 2.00
O1 OLA V . -18.76 -5.05 2.34
O2 OLA V . -19.86 -3.96 0.84
C2 OLA V . -20.93 -4.24 2.97
C3 OLA V . -20.46 -3.62 4.28
C4 OLA V . -21.49 -2.65 4.83
C5 OLA V . -21.36 -2.55 6.34
C6 OLA V . -20.99 -1.14 6.78
C7 OLA V . -21.19 -0.98 8.29
C8 OLA V . -19.98 -1.51 9.04
C9 OLA V . -20.42 -2.28 10.28
C10 OLA V . -19.55 -3.32 10.83
C11 OLA V . -18.79 -3.15 12.13
C12 OLA V . -17.77 -4.27 12.27
C13 OLA V . -17.80 -4.90 13.66
C14 OLA V . -16.84 -4.20 14.61
C15 OLA V . -16.71 -4.95 15.94
C16 OLA V . -16.15 -4.05 17.02
C17 OLA V . -16.98 -2.78 17.15
C18 OLA V . -16.77 -2.12 18.51
C1 OLA W . 20.24 17.47 22.71
O1 OLA W . 21.23 16.88 23.20
O2 OLA W . 19.51 18.15 23.48
C2 OLA W . 19.94 17.36 21.23
C3 OLA W . 18.86 18.37 20.85
C4 OLA W . 17.86 17.79 19.85
C5 OLA W . 18.59 17.08 18.70
C6 OLA W . 17.65 16.85 17.53
C1 OLA X . 20.35 8.21 26.40
O1 OLA X . 20.87 9.29 26.76
O2 OLA X . 19.77 7.49 27.25
C2 OLA X . 20.44 7.78 24.95
C3 OLA X . 21.40 8.73 24.23
C4 OLA X . 20.60 9.78 23.47
C5 OLA X . 19.90 9.15 22.28
C6 OLA X . 20.89 8.91 21.16
C7 OLA X . 20.88 7.45 20.75
C8 OLA X . 20.14 7.28 19.43
C9 OLA X . 20.94 7.90 18.31
C10 OLA X . 20.42 9.08 17.61
C11 OLA X . 19.07 9.65 18.00
C12 OLA X . 18.87 10.98 17.30
C13 OLA X . 18.71 10.77 15.80
C14 OLA X . 19.46 11.83 15.00
C15 OLA X . 18.93 11.93 13.57
C16 OLA X . 18.88 10.57 12.90
C8 OLA Y . 9.24 15.06 0.56
C9 OLA Y . 8.07 14.73 1.45
C10 OLA Y . 7.73 15.61 2.59
C11 OLA Y . 8.15 15.22 3.99
C12 OLA Y . 7.97 16.41 4.93
C13 OLA Y . 9.34 16.91 5.38
C14 OLA Y . 9.31 17.65 6.72
C15 OLA Y . 7.89 18.07 7.12
C16 OLA Y . 7.91 19.35 7.94
C17 OLA Y . 9.04 19.38 8.96
C1 OLA Z . 12.91 3.31 -1.19
C2 OLA Z . 11.81 4.10 -0.49
C3 OLA Z . 12.12 4.23 1.00
C4 OLA Z . 11.03 3.57 1.84
C5 OLA Z . 10.79 2.14 1.37
C6 OLA Z . 11.71 1.15 2.08
C7 OLA Z . 11.73 1.41 3.59
C8 OLA Z . 11.70 0.08 4.35
C9 OLA Z . 10.83 0.25 5.57
C10 OLA Z . 11.33 -0.11 6.91
C11 OLA Z . 12.39 -1.17 7.05
C12 OLA Z . 12.72 -1.35 8.54
C1 OLA AA . 21.75 1.68 30.65
O1 OLA AA . 21.24 2.82 30.57
O2 OLA AA . 21.79 1.12 31.77
C2 OLA AA . 22.32 0.99 29.43
C3 OLA AA . 21.41 1.21 28.21
C4 OLA AA . 21.38 -0.03 27.32
C5 OLA AA . 21.32 0.34 25.85
C6 OLA AA . 21.36 -0.91 24.97
C7 OLA AA . 20.57 -0.74 23.69
C8 OLA AA . 21.40 -1.02 22.44
C9 OLA AA . 20.48 -1.51 21.34
C10 OLA AA . 20.60 -1.00 19.96
C11 OLA AA . 19.87 -1.68 18.82
C12 OLA AA . 18.48 -1.06 18.67
C13 OLA AA . 18.17 -0.70 17.22
C14 OLA AA . 17.07 -1.58 16.65
C15 OLA AA . 16.82 -1.23 15.19
C16 OLA AA . 15.71 -2.09 14.60
C17 OLA AA . 15.56 -1.86 13.09
C18 OLA AA . 14.29 -2.53 12.57
C1 OLA BA . -15.86 7.82 31.80
O1 OLA BA . -16.36 8.97 31.76
O2 OLA BA . -15.66 7.27 32.91
C2 OLA BA . -15.47 7.10 30.53
C3 OLA BA . -16.12 7.77 29.32
C4 OLA BA . -15.29 7.54 28.07
C5 OLA BA . -15.89 6.48 27.15
C6 OLA BA . -16.55 7.15 25.95
C7 OLA BA . -16.60 6.28 24.68
C8 OLA BA . -15.92 4.92 24.79
C9 OLA BA . -14.67 4.91 23.93
C10 OLA BA . -14.63 4.16 22.66
C11 OLA BA . -15.74 3.21 22.29
C12 OLA BA . -15.85 3.12 20.78
C13 OLA BA . -14.80 2.17 20.20
C14 OLA BA . -15.39 0.78 20.06
C10 OLA CA . 13.96 7.75 9.10
C11 OLA CA . 14.00 6.92 10.36
C12 OLA CA . 15.41 6.96 10.94
C13 OLA CA . 15.39 6.89 12.46
C14 OLA CA . 15.54 8.28 13.06
C15 OLA CA . 16.36 8.27 14.34
C16 OLA CA . 15.48 8.24 15.58
C17 OLA CA . 14.23 9.09 15.37
C18 OLA CA . 13.47 9.27 16.67
C6 OLA DA . 9.69 -6.19 -1.98
C7 OLA DA . 9.83 -4.94 -1.13
C8 OLA DA . 8.50 -4.54 -0.49
C9 OLA DA . 8.70 -3.35 0.40
C10 OLA DA . 7.93 -3.20 1.65
C11 OLA DA . 6.43 -3.35 1.65
C12 OLA DA . 5.93 -3.64 3.07
C13 OLA DA . 6.19 -2.48 4.02
C14 OLA DA . 6.23 -2.99 5.46
C15 OLA DA . 7.65 -3.36 5.89
C16 OLA DA . 7.82 -3.24 7.40
C17 OLA DA . 8.34 -4.54 8.03
C18 OLA DA . 8.31 -4.46 9.55
C4 OLA EA . 23.44 4.63 26.46
C5 OLA EA . 23.23 4.39 24.97
C6 OLA EA . 23.79 3.03 24.55
C7 OLA EA . 24.60 3.13 23.25
C8 OLA EA . 24.42 1.93 22.33
C9 OLA EA . 23.60 2.35 21.13
C10 OLA EA . 23.87 1.81 19.79
C11 OLA EA . 22.90 2.12 18.67
C12 OLA EA . 23.43 3.29 17.85
C13 OLA EA . 22.52 3.56 16.65
C14 OLA EA . 22.28 2.26 15.89
C15 OLA EA . 21.00 2.34 15.06
C16 OLA EA . 20.68 0.99 14.42
C17 OLA EA . 20.31 1.19 12.96
C18 OLA EA . 19.22 0.22 12.51
NA NA FA . -1.03 7.62 7.35
#